data_6VTV
#
_entry.id   6VTV
#
_cell.length_a   69.161
_cell.length_b   72.177
_cell.length_c   98.631
_cell.angle_alpha   90.000
_cell.angle_beta   90.000
_cell.angle_gamma   90.000
#
_symmetry.space_group_name_H-M   'P 21 21 21'
#
loop_
_entity.id
_entity.type
_entity.pdbx_description
1 polymer 'Gamma-glutamyl-gamma-aminobutyrate hydrolase PuuD'
2 non-polymer 'MANGANESE (II) ION'
3 water water
#
_entity_poly.entity_id   1
_entity_poly.type   'polypeptide(L)'
_entity_poly.pdbx_seq_one_letter_code
;MRLSMENIMNNPVIGVVMCRNRLKGHATQTLQEKYLNAIIHAGGLPIALPHALAEPSLLEQLLPKLDGIYLPGSPSNVQP
HLYGENGDEPDADPGRDLLSMAIINAALERRIPIFAICRGLQELVVATGGSLHRKLCEQPELLEHREDPELPVEQQYAPS
HEVQVEEGGLLSALLPECSNFWVNSLHGQGAKVVSPRLRVEARSPDGLVEAVSVINHPFALGVQWHPEWNSSEYALSRIL
FEGFITACQHHIAEKQRL
;
_entity_poly.pdbx_strand_id   A,B
#
loop_
_chem_comp.id
_chem_comp.type
_chem_comp.name
_chem_comp.formula
MN non-polymer 'MANGANESE (II) ION' 'Mn 2'
#
# COMPACT_ATOMS: atom_id res chain seq x y z
N ASN A 10 8.73 -19.74 -7.38
CA ASN A 10 8.39 -18.71 -6.40
C ASN A 10 8.52 -17.32 -7.01
N ASN A 11 7.63 -16.42 -6.61
CA ASN A 11 7.60 -15.07 -7.16
C ASN A 11 8.34 -14.13 -6.22
N PRO A 12 9.36 -13.42 -6.71
CA PRO A 12 10.11 -12.52 -5.82
C PRO A 12 9.22 -11.41 -5.28
N VAL A 13 9.45 -11.06 -4.00
CA VAL A 13 8.68 -10.02 -3.33
C VAL A 13 9.21 -8.66 -3.77
N ILE A 14 8.34 -7.82 -4.31
CA ILE A 14 8.71 -6.52 -4.84
C ILE A 14 8.11 -5.44 -3.95
N GLY A 15 8.98 -4.64 -3.33
CA GLY A 15 8.53 -3.52 -2.54
C GLY A 15 8.27 -2.30 -3.41
N VAL A 16 7.04 -1.79 -3.38
CA VAL A 16 6.62 -0.71 -4.25
C VAL A 16 6.38 0.53 -3.40
N VAL A 17 7.04 1.62 -3.76
CA VAL A 17 6.92 2.88 -3.03
C VAL A 17 5.60 3.55 -3.38
N MET A 18 4.86 3.96 -2.36
CA MET A 18 3.57 4.60 -2.58
C MET A 18 3.72 6.13 -2.61
N CYS A 19 2.65 6.79 -3.03
CA CYS A 19 2.54 8.23 -3.06
C CYS A 19 1.46 8.69 -2.09
N ARG A 20 1.56 9.93 -1.65
CA ARG A 20 0.60 10.49 -0.71
C ARG A 20 -0.41 11.34 -1.47
N ASN A 21 -1.70 11.14 -1.16
CA ASN A 21 -2.77 11.92 -1.76
C ASN A 21 -3.79 12.27 -0.67
N ARG A 22 -4.60 13.28 -0.95
CA ARG A 22 -5.70 13.68 -0.09
C ARG A 22 -7.01 13.25 -0.74
N LEU A 23 -7.74 12.36 -0.06
CA LEU A 23 -8.98 11.79 -0.57
C LEU A 23 -10.05 11.92 0.50
N LYS A 24 -11.15 12.61 0.17
CA LYS A 24 -12.27 12.82 1.08
C LYS A 24 -11.83 13.48 2.38
N GLY A 25 -10.82 14.36 2.31
CA GLY A 25 -10.33 15.04 3.48
C GLY A 25 -9.37 14.26 4.35
N HIS A 26 -8.92 13.09 3.90
CA HIS A 26 -8.02 12.23 4.66
C HIS A 26 -6.74 12.01 3.87
N ALA A 27 -5.60 12.16 4.53
CA ALA A 27 -4.33 11.81 3.90
C ALA A 27 -4.29 10.32 3.62
N THR A 28 -3.90 9.96 2.41
CA THR A 28 -3.98 8.57 1.95
C THR A 28 -2.73 8.21 1.17
N GLN A 29 -2.20 7.02 1.44
CA GLN A 29 -1.14 6.44 0.63
C GLN A 29 -1.77 5.69 -0.53
N THR A 30 -1.26 5.93 -1.74
CA THR A 30 -1.88 5.42 -2.95
C THR A 30 -0.84 4.75 -3.84
N LEU A 31 -1.33 3.86 -4.70
CA LEU A 31 -0.48 3.15 -5.66
C LEU A 31 -1.35 2.75 -6.83
N GLN A 32 -1.07 3.33 -8.01
CA GLN A 32 -1.88 3.03 -9.19
C GLN A 32 -1.74 1.56 -9.58
N GLU A 33 -2.85 0.97 -10.00
CA GLU A 33 -2.87 -0.46 -10.28
C GLU A 33 -2.03 -0.83 -11.50
N LYS A 34 -1.90 0.08 -12.47
CA LYS A 34 -1.15 -0.24 -13.68
C LYS A 34 0.31 -0.50 -13.39
N TYR A 35 0.85 0.08 -12.33
CA TYR A 35 2.19 -0.31 -11.89
C TYR A 35 2.19 -1.70 -11.27
N LEU A 36 1.17 -2.01 -10.47
CA LEU A 36 1.05 -3.33 -9.87
C LEU A 36 0.81 -4.41 -10.91
N ASN A 37 -0.06 -4.15 -11.87
CA ASN A 37 -0.38 -5.15 -12.88
C ASN A 37 0.85 -5.54 -13.69
N ALA A 38 1.74 -4.57 -13.95
CA ALA A 38 2.93 -4.87 -14.73
C ALA A 38 3.87 -5.81 -13.97
N ILE A 39 3.98 -5.63 -12.65
CA ILE A 39 4.82 -6.51 -11.85
C ILE A 39 4.20 -7.91 -11.78
N ILE A 40 2.88 -7.99 -11.63
CA ILE A 40 2.21 -9.28 -11.54
C ILE A 40 2.43 -10.07 -12.83
N HIS A 41 2.25 -9.43 -13.98
CA HIS A 41 2.38 -10.13 -15.26
C HIS A 41 3.80 -10.62 -15.47
N ALA A 42 4.81 -9.90 -14.95
CA ALA A 42 6.19 -10.30 -15.10
C ALA A 42 6.62 -11.36 -14.10
N GLY A 43 5.78 -11.71 -13.14
CA GLY A 43 6.08 -12.76 -12.19
C GLY A 43 6.49 -12.32 -10.80
N GLY A 44 6.22 -11.07 -10.42
CA GLY A 44 6.59 -10.57 -9.12
C GLY A 44 5.42 -10.56 -8.14
N LEU A 45 5.75 -10.55 -6.86
CA LEU A 45 4.77 -10.45 -5.78
C LEU A 45 4.87 -9.07 -5.17
N PRO A 46 3.99 -8.13 -5.53
CA PRO A 46 4.15 -6.75 -5.07
C PRO A 46 3.48 -6.48 -3.73
N ILE A 47 4.19 -5.74 -2.87
CA ILE A 47 3.65 -5.20 -1.64
C ILE A 47 3.92 -3.71 -1.61
N ALA A 48 2.95 -2.94 -1.13
CA ALA A 48 3.05 -1.49 -1.15
C ALA A 48 3.70 -0.99 0.14
N LEU A 49 4.65 -0.06 0.01
CA LEU A 49 5.45 0.38 1.13
C LEU A 49 5.00 1.76 1.58
N PRO A 50 4.39 1.90 2.76
CA PRO A 50 3.97 3.23 3.23
C PRO A 50 5.18 4.10 3.59
N HIS A 51 4.94 5.41 3.57
CA HIS A 51 6.00 6.37 3.82
C HIS A 51 6.61 6.21 5.21
N ALA A 52 5.83 5.75 6.18
CA ALA A 52 6.33 5.61 7.54
C ALA A 52 7.45 4.58 7.64
N LEU A 53 7.57 3.68 6.66
CA LEU A 53 8.66 2.72 6.64
C LEU A 53 10.02 3.36 6.39
N ALA A 54 10.08 4.67 6.14
CA ALA A 54 11.36 5.35 5.98
C ALA A 54 12.15 5.44 7.28
N GLU A 55 11.53 5.13 8.42
CA GLU A 55 12.26 5.06 9.68
C GLU A 55 13.36 4.01 9.58
N PRO A 56 14.61 4.35 9.89
CA PRO A 56 15.73 3.42 9.66
C PRO A 56 15.55 2.04 10.28
N SER A 57 15.04 1.97 11.51
CA SER A 57 14.86 0.67 12.16
C SER A 57 13.86 -0.19 11.40
N LEU A 58 12.75 0.42 10.97
CA LEU A 58 11.74 -0.32 10.21
C LEU A 58 12.29 -0.74 8.85
N LEU A 59 12.98 0.16 8.16
CA LEU A 59 13.52 -0.18 6.85
C LEU A 59 14.53 -1.31 6.93
N GLU A 60 15.40 -1.28 7.95
CA GLU A 60 16.41 -2.33 8.09
C GLU A 60 15.77 -3.69 8.37
N GLN A 61 14.65 -3.71 9.10
CA GLN A 61 13.97 -4.97 9.37
C GLN A 61 13.27 -5.50 8.13
N LEU A 62 12.87 -4.62 7.22
CA LEU A 62 12.03 -4.99 6.09
C LEU A 62 12.83 -5.35 4.84
N LEU A 63 14.04 -4.80 4.70
CA LEU A 63 14.82 -5.03 3.49
C LEU A 63 15.19 -6.50 3.25
N PRO A 64 15.59 -7.29 4.26
CA PRO A 64 15.89 -8.71 3.97
C PRO A 64 14.70 -9.47 3.39
N LYS A 65 13.47 -9.03 3.67
CA LYS A 65 12.29 -9.67 3.11
C LYS A 65 11.96 -9.22 1.70
N LEU A 66 12.62 -8.18 1.21
CA LEU A 66 12.40 -7.69 -0.15
C LEU A 66 13.42 -8.31 -1.10
N ASP A 67 12.97 -8.65 -2.30
CA ASP A 67 13.84 -9.12 -3.36
C ASP A 67 14.10 -8.07 -4.42
N GLY A 68 13.32 -6.99 -4.44
CA GLY A 68 13.52 -5.91 -5.37
C GLY A 68 12.70 -4.70 -4.97
N ILE A 69 13.12 -3.54 -5.45
CA ILE A 69 12.48 -2.26 -5.12
C ILE A 69 11.93 -1.66 -6.41
N TYR A 70 10.71 -1.13 -6.32
CA TYR A 70 9.95 -0.66 -7.47
C TYR A 70 9.51 0.77 -7.20
N LEU A 71 10.03 1.72 -7.98
CA LEU A 71 9.72 3.13 -7.80
C LEU A 71 8.80 3.60 -8.93
N PRO A 72 7.50 3.72 -8.70
CA PRO A 72 6.59 4.13 -9.79
C PRO A 72 6.71 5.62 -10.08
N GLY A 73 6.11 6.01 -11.19
CA GLY A 73 5.95 7.41 -11.51
C GLY A 73 4.89 8.05 -10.62
N SER A 74 4.77 9.38 -10.76
CA SER A 74 3.82 10.13 -9.95
C SER A 74 3.64 11.54 -10.51
N PRO A 75 2.49 12.17 -10.29
CA PRO A 75 2.36 13.59 -10.67
C PRO A 75 3.26 14.51 -9.86
N SER A 76 3.64 14.10 -8.65
CA SER A 76 4.45 14.95 -7.79
C SER A 76 5.91 14.96 -8.25
N ASN A 77 6.63 16.00 -7.81
CA ASN A 77 8.02 16.20 -8.15
C ASN A 77 8.87 16.23 -6.89
N VAL A 78 10.16 15.89 -7.04
CA VAL A 78 11.09 15.91 -5.93
C VAL A 78 11.33 17.35 -5.50
N GLN A 79 11.38 17.58 -4.19
CA GLN A 79 11.65 18.90 -3.66
C GLN A 79 13.05 19.35 -4.08
N PRO A 80 13.22 20.57 -4.58
CA PRO A 80 14.53 20.97 -5.12
C PRO A 80 15.64 21.00 -4.09
N HIS A 81 15.32 21.19 -2.81
CA HIS A 81 16.36 21.26 -1.79
C HIS A 81 17.07 19.92 -1.61
N LEU A 82 16.49 18.82 -2.08
CA LEU A 82 17.13 17.51 -1.98
C LEU A 82 18.32 17.39 -2.92
N TYR A 83 18.42 18.24 -3.93
CA TYR A 83 19.62 18.33 -4.76
C TYR A 83 20.21 19.74 -4.72
N GLY A 84 20.01 20.44 -3.61
CA GLY A 84 20.72 21.68 -3.34
C GLY A 84 20.21 22.92 -4.03
N GLU A 85 18.98 22.91 -4.53
CA GLU A 85 18.43 24.07 -5.22
C GLU A 85 17.25 24.63 -4.45
N ASN A 86 16.78 25.79 -4.90
CA ASN A 86 15.69 26.51 -4.25
C ASN A 86 14.58 26.80 -5.24
N GLY A 87 13.35 26.65 -4.80
CA GLY A 87 12.20 26.94 -5.64
C GLY A 87 10.94 26.32 -5.09
N ASP A 88 9.82 26.85 -5.55
CA ASP A 88 8.51 26.33 -5.14
C ASP A 88 8.21 25.02 -5.86
N GLU A 89 7.51 24.14 -5.16
CA GLU A 89 6.99 22.90 -5.74
C GLU A 89 5.60 22.68 -5.18
N PRO A 90 4.56 23.18 -5.87
CA PRO A 90 3.20 23.02 -5.34
C PRO A 90 2.75 21.58 -5.25
N ASP A 91 3.21 20.72 -6.16
CA ASP A 91 2.83 19.31 -6.16
C ASP A 91 4.02 18.51 -5.63
N ALA A 92 4.17 18.53 -4.31
CA ALA A 92 5.28 17.88 -3.63
C ALA A 92 4.78 16.71 -2.80
N ASP A 93 5.71 15.81 -2.48
CA ASP A 93 5.41 14.65 -1.64
C ASP A 93 6.64 14.35 -0.79
N PRO A 94 6.82 15.11 0.31
CA PRO A 94 8.01 14.91 1.14
C PRO A 94 8.09 13.53 1.76
N GLY A 95 6.94 12.91 2.06
CA GLY A 95 6.97 11.55 2.59
C GLY A 95 7.54 10.56 1.60
N ARG A 96 7.11 10.66 0.34
CA ARG A 96 7.67 9.81 -0.71
C ARG A 96 9.14 10.14 -0.93
N ASP A 97 9.48 11.43 -0.91
CA ASP A 97 10.87 11.85 -1.05
C ASP A 97 11.75 11.18 -0.01
N LEU A 98 11.30 11.19 1.25
CA LEU A 98 12.09 10.60 2.33
C LEU A 98 12.26 9.11 2.15
N LEU A 99 11.17 8.40 1.84
CA LEU A 99 11.25 6.96 1.70
C LEU A 99 12.08 6.55 0.49
N SER A 100 11.93 7.28 -0.63
CA SER A 100 12.63 6.90 -1.85
C SER A 100 14.14 7.01 -1.68
N MET A 101 14.62 8.15 -1.19
CA MET A 101 16.05 8.32 -0.97
C MET A 101 16.59 7.27 -0.01
N ALA A 102 15.85 7.00 1.07
CA ALA A 102 16.32 6.05 2.07
C ALA A 102 16.40 4.64 1.49
N ILE A 103 15.35 4.21 0.78
CA ILE A 103 15.34 2.84 0.27
C ILE A 103 16.26 2.69 -0.93
N ILE A 104 16.44 3.75 -1.73
CA ILE A 104 17.40 3.69 -2.83
C ILE A 104 18.81 3.49 -2.26
N ASN A 105 19.17 4.31 -1.28
CA ASN A 105 20.49 4.19 -0.65
C ASN A 105 20.65 2.80 -0.03
N ALA A 106 19.65 2.35 0.75
CA ALA A 106 19.74 1.04 1.37
C ALA A 106 19.85 -0.07 0.32
N ALA A 107 19.09 0.04 -0.77
CA ALA A 107 19.12 -1.01 -1.79
C ALA A 107 20.44 -1.01 -2.57
N LEU A 108 21.03 0.18 -2.77
CA LEU A 108 22.32 0.24 -3.47
C LEU A 108 23.42 -0.40 -2.65
N GLU A 109 23.38 -0.23 -1.33
CA GLU A 109 24.39 -0.86 -0.48
C GLU A 109 24.19 -2.36 -0.35
N ARG A 110 22.95 -2.85 -0.47
CA ARG A 110 22.65 -4.27 -0.29
C ARG A 110 22.57 -5.03 -1.60
N ARG A 111 22.81 -4.38 -2.73
CA ARG A 111 22.74 -5.00 -4.06
C ARG A 111 21.35 -5.59 -4.33
N ILE A 112 20.32 -4.89 -3.85
CA ILE A 112 18.94 -5.25 -4.13
C ILE A 112 18.52 -4.58 -5.42
N PRO A 113 17.95 -5.32 -6.38
CA PRO A 113 17.58 -4.71 -7.66
C PRO A 113 16.55 -3.59 -7.51
N ILE A 114 16.69 -2.56 -8.34
CA ILE A 114 15.78 -1.42 -8.36
C ILE A 114 15.31 -1.20 -9.79
N PHE A 115 14.01 -0.96 -9.95
CA PHE A 115 13.43 -0.54 -11.22
C PHE A 115 12.59 0.70 -10.96
N ALA A 116 12.90 1.79 -11.65
CA ALA A 116 12.33 3.09 -11.36
C ALA A 116 11.75 3.71 -12.63
N ILE A 117 10.58 4.34 -12.50
CA ILE A 117 9.82 4.86 -13.62
C ILE A 117 9.53 6.34 -13.39
N CYS A 118 9.88 7.17 -14.38
CA CYS A 118 9.55 8.59 -14.39
C CYS A 118 10.08 9.30 -13.14
N ARG A 119 9.20 9.55 -12.17
CA ARG A 119 9.64 10.13 -10.92
C ARG A 119 10.68 9.24 -10.24
N GLY A 120 10.59 7.92 -10.44
CA GLY A 120 11.59 7.04 -9.88
C GLY A 120 12.97 7.27 -10.46
N LEU A 121 13.04 7.50 -11.77
CA LEU A 121 14.32 7.84 -12.39
C LEU A 121 14.89 9.12 -11.79
N GLN A 122 14.04 10.15 -11.66
CA GLN A 122 14.48 11.40 -11.05
C GLN A 122 14.90 11.20 -9.60
N GLU A 123 14.23 10.29 -8.89
CA GLU A 123 14.66 9.96 -7.54
C GLU A 123 16.02 9.28 -7.55
N LEU A 124 16.26 8.40 -8.53
CA LEU A 124 17.55 7.74 -8.66
C LEU A 124 18.66 8.76 -8.89
N VAL A 125 18.41 9.73 -9.77
CA VAL A 125 19.43 10.73 -10.09
C VAL A 125 19.74 11.58 -8.86
N VAL A 126 18.70 12.01 -8.13
CA VAL A 126 18.91 12.87 -6.97
C VAL A 126 19.59 12.09 -5.84
N ALA A 127 19.18 10.84 -5.62
CA ALA A 127 19.70 10.09 -4.49
C ALA A 127 21.18 9.80 -4.64
N THR A 128 21.67 9.72 -5.88
CA THR A 128 23.08 9.41 -6.13
C THR A 128 23.92 10.66 -6.38
N GLY A 129 23.38 11.84 -6.11
CA GLY A 129 24.13 13.06 -6.19
C GLY A 129 23.89 13.94 -7.41
N GLY A 130 22.83 13.68 -8.17
CA GLY A 130 22.56 14.42 -9.38
C GLY A 130 21.60 15.58 -9.14
N SER A 131 21.16 16.17 -10.25
CA SER A 131 20.22 17.29 -10.20
C SER A 131 19.17 17.12 -11.29
N LEU A 132 18.21 18.04 -11.30
CA LEU A 132 17.07 17.96 -12.19
C LEU A 132 16.79 19.32 -12.82
N HIS A 133 16.30 19.28 -14.05
CA HIS A 133 15.60 20.41 -14.65
C HIS A 133 14.17 20.41 -14.13
N ARG A 134 13.75 21.52 -13.52
CA ARG A 134 12.40 21.60 -12.97
C ARG A 134 11.36 22.03 -14.00
N LYS A 135 11.77 22.75 -15.04
CA LYS A 135 10.87 23.22 -16.09
C LYS A 135 11.52 22.90 -17.44
N LEU A 136 11.28 21.70 -17.96
CA LEU A 136 11.78 21.35 -19.29
C LEU A 136 11.17 22.26 -20.35
N CYS A 137 9.95 22.75 -20.11
CA CYS A 137 9.28 23.60 -21.09
C CYS A 137 9.97 24.95 -21.28
N GLU A 138 10.73 25.40 -20.29
CA GLU A 138 11.42 26.69 -20.36
C GLU A 138 12.76 26.60 -21.07
N GLN A 139 13.07 25.47 -21.70
CA GLN A 139 14.31 25.31 -22.47
C GLN A 139 13.96 25.14 -23.93
N PRO A 140 14.31 26.09 -24.80
CA PRO A 140 13.86 26.02 -26.20
C PRO A 140 14.48 24.89 -27.00
N GLU A 141 15.58 24.30 -26.52
CA GLU A 141 16.25 23.23 -27.26
C GLU A 141 15.56 21.89 -27.11
N LEU A 142 14.67 21.73 -26.14
CA LEU A 142 14.09 20.43 -25.83
C LEU A 142 12.76 20.23 -26.54
N LEU A 143 12.42 18.97 -26.77
CA LEU A 143 11.09 18.62 -27.25
C LEU A 143 10.06 18.86 -26.15
N GLU A 144 8.79 18.71 -26.51
CA GLU A 144 7.71 18.75 -25.53
C GLU A 144 7.60 17.36 -24.90
N HIS A 145 8.11 17.23 -23.68
CA HIS A 145 8.10 15.95 -22.98
C HIS A 145 6.86 15.74 -22.12
N ARG A 146 6.02 16.76 -21.98
CA ARG A 146 4.81 16.66 -21.18
C ARG A 146 3.66 16.12 -22.01
N GLU A 147 2.73 15.48 -21.35
CA GLU A 147 1.48 15.04 -21.97
C GLU A 147 0.46 16.16 -21.95
N ASP A 148 -0.56 16.03 -22.79
CA ASP A 148 -1.68 16.96 -22.79
C ASP A 148 -2.73 16.42 -21.83
N PRO A 149 -2.93 17.04 -20.66
CA PRO A 149 -3.87 16.48 -19.68
C PRO A 149 -5.33 16.56 -20.12
N GLU A 150 -5.63 17.21 -21.24
CA GLU A 150 -6.99 17.26 -21.75
C GLU A 150 -7.31 16.14 -22.73
N LEU A 151 -6.28 15.56 -23.37
CA LEU A 151 -6.50 14.41 -24.22
C LEU A 151 -6.92 13.20 -23.40
N PRO A 152 -7.59 12.23 -24.02
CA PRO A 152 -7.88 10.98 -23.31
C PRO A 152 -6.60 10.27 -22.90
N VAL A 153 -6.73 9.42 -21.88
CA VAL A 153 -5.55 8.81 -21.27
C VAL A 153 -4.83 7.87 -22.23
N GLU A 154 -5.56 7.32 -23.21
CA GLU A 154 -4.96 6.33 -24.11
C GLU A 154 -3.91 6.98 -25.01
N GLN A 155 -4.18 8.20 -25.46
CA GLN A 155 -3.21 8.96 -26.25
C GLN A 155 -2.28 9.80 -25.40
N GLN A 156 -2.62 10.02 -24.12
CA GLN A 156 -1.65 10.58 -23.18
C GLN A 156 -0.45 9.66 -23.03
N TYR A 157 -0.68 8.35 -23.03
CA TYR A 157 0.37 7.35 -22.88
C TYR A 157 0.82 6.78 -24.22
N ALA A 158 0.37 7.34 -25.34
CA ALA A 158 0.79 6.89 -26.65
C ALA A 158 2.26 7.23 -26.87
N PRO A 159 2.93 6.52 -27.79
CA PRO A 159 4.31 6.90 -28.13
C PRO A 159 4.40 8.36 -28.55
N SER A 160 5.39 9.05 -28.00
CA SER A 160 5.52 10.49 -28.18
C SER A 160 6.84 10.92 -28.79
N HIS A 161 7.95 10.31 -28.38
CA HIS A 161 9.25 10.67 -28.94
C HIS A 161 10.18 9.46 -28.87
N GLU A 162 11.29 9.58 -29.58
CA GLU A 162 12.27 8.52 -29.72
C GLU A 162 13.32 8.60 -28.61
N VAL A 163 14.02 7.48 -28.40
CA VAL A 163 15.19 7.43 -27.53
C VAL A 163 16.25 6.58 -28.20
N GLN A 164 17.51 6.89 -27.92
CA GLN A 164 18.64 6.14 -28.45
C GLN A 164 19.41 5.53 -27.28
N VAL A 165 19.62 4.22 -27.33
CA VAL A 165 20.34 3.52 -26.27
C VAL A 165 21.82 3.86 -26.35
N GLU A 166 22.43 4.12 -25.19
CA GLU A 166 23.87 4.25 -25.08
C GLU A 166 24.45 2.86 -24.87
N GLU A 167 25.16 2.36 -25.89
CA GLU A 167 25.59 0.96 -25.89
C GLU A 167 26.64 0.71 -24.81
N GLY A 168 26.66 -0.52 -24.31
CA GLY A 168 27.59 -0.94 -23.28
C GLY A 168 27.02 -1.02 -21.88
N GLY A 169 25.73 -0.75 -21.70
CA GLY A 169 25.13 -0.75 -20.39
C GLY A 169 24.02 -1.77 -20.21
N LEU A 170 23.04 -1.45 -19.36
CA LEU A 170 21.99 -2.40 -19.04
C LEU A 170 21.02 -2.58 -20.20
N LEU A 171 20.61 -1.48 -20.84
CA LEU A 171 19.65 -1.58 -21.93
C LEU A 171 20.21 -2.35 -23.12
N SER A 172 21.53 -2.26 -23.35
CA SER A 172 22.15 -3.04 -24.42
C SER A 172 22.19 -4.52 -24.09
N ALA A 173 22.12 -4.88 -22.80
CA ALA A 173 22.08 -6.30 -22.44
C ALA A 173 20.69 -6.88 -22.66
N LEU A 174 19.65 -6.11 -22.34
CA LEU A 174 18.28 -6.60 -22.52
C LEU A 174 17.82 -6.51 -23.97
N LEU A 175 18.28 -5.51 -24.71
CA LEU A 175 17.91 -5.32 -26.11
C LEU A 175 19.16 -5.17 -26.95
N PRO A 176 19.94 -6.25 -27.13
CA PRO A 176 21.20 -6.13 -27.87
C PRO A 176 21.03 -5.77 -29.34
N GLU A 177 19.84 -5.95 -29.90
CA GLU A 177 19.66 -5.82 -31.34
C GLU A 177 19.25 -4.42 -31.79
N CYS A 178 18.50 -3.68 -30.99
CA CYS A 178 17.96 -2.40 -31.40
C CYS A 178 18.40 -1.31 -30.43
N SER A 179 18.92 -0.21 -30.98
CA SER A 179 19.40 0.90 -30.18
C SER A 179 18.45 2.10 -30.18
N ASN A 180 17.32 2.01 -30.89
CA ASN A 180 16.43 3.16 -31.03
C ASN A 180 14.98 2.68 -31.01
N PHE A 181 14.17 3.30 -30.16
CA PHE A 181 12.74 3.00 -30.13
C PHE A 181 11.98 4.21 -29.63
N TRP A 182 10.66 4.17 -29.80
CA TRP A 182 9.78 5.26 -29.43
C TRP A 182 9.10 4.95 -28.10
N VAL A 183 8.95 5.98 -27.26
CA VAL A 183 8.39 5.83 -25.92
C VAL A 183 7.39 6.95 -25.69
N ASN A 184 6.47 6.71 -24.76
CA ASN A 184 5.59 7.76 -24.29
C ASN A 184 6.38 8.77 -23.45
N SER A 185 5.75 9.90 -23.15
CA SER A 185 6.42 10.95 -22.39
C SER A 185 5.37 11.74 -21.62
N LEU A 186 5.47 11.71 -20.29
CA LEU A 186 4.50 12.38 -19.42
C LEU A 186 5.23 13.04 -18.25
N HIS A 187 6.22 13.89 -18.55
CA HIS A 187 7.03 14.49 -17.51
C HIS A 187 7.40 15.92 -17.88
N GLY A 188 7.36 16.81 -16.89
CA GLY A 188 7.73 18.19 -17.09
C GLY A 188 9.09 18.49 -16.50
N GLN A 189 9.64 17.49 -15.81
CA GLN A 189 10.97 17.56 -15.24
C GLN A 189 11.83 16.45 -15.81
N GLY A 190 13.14 16.67 -15.78
CA GLY A 190 14.08 15.70 -16.31
C GLY A 190 15.43 15.85 -15.66
N ALA A 191 16.28 14.85 -15.89
CA ALA A 191 17.61 14.85 -15.33
C ALA A 191 18.44 15.99 -15.92
N LYS A 192 19.19 16.68 -15.05
CA LYS A 192 20.11 17.72 -15.49
C LYS A 192 21.55 17.20 -15.43
N VAL A 193 22.09 17.11 -14.23
CA VAL A 193 23.42 16.54 -14.01
C VAL A 193 23.25 15.10 -13.53
N VAL A 194 23.98 14.18 -14.15
CA VAL A 194 23.95 12.78 -13.79
C VAL A 194 25.28 12.47 -13.10
N SER A 195 25.20 11.93 -11.88
CA SER A 195 26.40 11.66 -11.12
C SER A 195 27.23 10.57 -11.80
N PRO A 196 28.55 10.58 -11.58
CA PRO A 196 29.40 9.50 -12.13
C PRO A 196 29.10 8.13 -11.55
N ARG A 197 28.32 8.04 -10.47
CA ARG A 197 27.86 6.75 -9.98
C ARG A 197 26.88 6.09 -10.95
N LEU A 198 26.26 6.88 -11.83
CA LEU A 198 25.31 6.39 -12.81
C LEU A 198 25.93 6.41 -14.20
N ARG A 199 25.40 5.56 -15.07
CA ARG A 199 25.71 5.61 -16.49
C ARG A 199 24.44 5.93 -17.27
N VAL A 200 24.57 6.78 -18.27
CA VAL A 200 23.43 7.13 -19.10
C VAL A 200 23.07 5.94 -19.98
N GLU A 201 21.80 5.54 -19.94
CA GLU A 201 21.33 4.39 -20.70
C GLU A 201 20.61 4.77 -21.98
N ALA A 202 19.97 5.93 -22.03
CA ALA A 202 19.26 6.34 -23.23
C ALA A 202 19.05 7.85 -23.22
N ARG A 203 18.96 8.43 -24.41
CA ARG A 203 18.68 9.85 -24.58
C ARG A 203 17.66 10.04 -25.69
N SER A 204 16.82 11.06 -25.55
CA SER A 204 15.94 11.50 -26.61
C SER A 204 16.72 12.34 -27.60
N PRO A 205 16.17 12.58 -28.80
CA PRO A 205 16.94 13.32 -29.81
C PRO A 205 17.39 14.71 -29.37
N ASP A 206 16.69 15.34 -28.42
CA ASP A 206 17.10 16.63 -27.92
C ASP A 206 18.26 16.56 -26.93
N GLY A 207 18.74 15.35 -26.62
CA GLY A 207 19.85 15.17 -25.71
C GLY A 207 19.49 14.94 -24.27
N LEU A 208 18.19 14.98 -23.93
CA LEU A 208 17.78 14.76 -22.56
C LEU A 208 17.94 13.29 -22.17
N VAL A 209 18.50 13.05 -20.98
CA VAL A 209 18.68 11.70 -20.50
C VAL A 209 17.32 11.08 -20.20
N GLU A 210 17.04 9.92 -20.80
CA GLU A 210 15.77 9.24 -20.60
C GLU A 210 15.90 7.91 -19.89
N ALA A 211 17.12 7.47 -19.57
CA ALA A 211 17.31 6.23 -18.84
C ALA A 211 18.70 6.24 -18.22
N VAL A 212 18.79 5.72 -16.99
CA VAL A 212 20.06 5.63 -16.27
C VAL A 212 20.13 4.27 -15.59
N SER A 213 21.35 3.90 -15.22
CA SER A 213 21.56 2.71 -14.40
C SER A 213 22.77 2.93 -13.51
N VAL A 214 22.76 2.27 -12.36
CA VAL A 214 23.82 2.43 -11.36
C VAL A 214 24.97 1.50 -11.73
N ILE A 215 26.11 2.08 -12.10
CA ILE A 215 27.36 1.33 -12.20
C ILE A 215 27.63 0.73 -10.83
N ASN A 216 28.31 -0.41 -10.78
CA ASN A 216 28.68 -1.11 -9.53
C ASN A 216 27.49 -1.86 -8.95
N HIS A 217 26.36 -1.89 -9.65
CA HIS A 217 25.18 -2.57 -9.14
C HIS A 217 24.68 -3.62 -10.14
N PRO A 218 24.19 -4.77 -9.66
CA PRO A 218 23.68 -5.79 -10.60
C PRO A 218 22.56 -5.29 -11.48
N PHE A 219 21.57 -4.59 -10.92
CA PHE A 219 20.42 -4.13 -11.69
C PHE A 219 19.73 -3.02 -10.91
N ALA A 220 20.09 -1.77 -11.22
CA ALA A 220 19.43 -0.59 -10.66
C ALA A 220 19.17 0.33 -11.83
N LEU A 221 18.00 0.20 -12.44
CA LEU A 221 17.67 0.84 -13.70
C LEU A 221 16.50 1.79 -13.54
N GLY A 222 16.62 2.97 -14.13
CA GLY A 222 15.52 3.92 -14.17
C GLY A 222 15.27 4.38 -15.58
N VAL A 223 13.99 4.54 -15.92
CA VAL A 223 13.58 5.06 -17.22
C VAL A 223 12.65 6.24 -17.00
N GLN A 224 12.72 7.20 -17.93
CA GLN A 224 11.91 8.42 -17.82
C GLN A 224 10.50 8.24 -18.37
N TRP A 225 10.28 7.26 -19.25
CA TRP A 225 8.95 7.04 -19.82
C TRP A 225 8.15 6.10 -18.90
N HIS A 226 7.01 5.63 -19.39
CA HIS A 226 6.06 4.85 -18.61
C HIS A 226 5.88 3.48 -19.23
N PRO A 227 6.74 2.50 -18.91
CA PRO A 227 6.58 1.16 -19.47
C PRO A 227 5.50 0.33 -18.81
N GLU A 228 4.92 0.80 -17.70
CA GLU A 228 3.85 0.04 -17.05
C GLU A 228 2.54 0.10 -17.82
N TRP A 229 2.38 1.05 -18.72
CA TRP A 229 1.13 1.25 -19.44
C TRP A 229 0.88 0.08 -20.38
N ASN A 230 -0.05 -0.80 -20.02
CA ASN A 230 -0.35 -2.01 -20.79
C ASN A 230 0.93 -2.77 -21.11
N SER A 231 1.73 -3.01 -20.06
CA SER A 231 3.10 -3.47 -20.22
C SER A 231 3.18 -4.78 -21.01
N SER A 232 2.22 -5.68 -20.77
CA SER A 232 2.25 -6.98 -21.42
C SER A 232 2.07 -6.89 -22.93
N GLU A 233 1.54 -5.77 -23.43
CA GLU A 233 1.25 -5.61 -24.84
C GLU A 233 2.34 -4.85 -25.60
N TYR A 234 3.43 -4.48 -24.93
CA TYR A 234 4.53 -3.75 -25.56
C TYR A 234 5.81 -4.58 -25.43
N ALA A 235 6.54 -4.71 -26.54
CA ALA A 235 7.72 -5.56 -26.56
C ALA A 235 8.79 -5.03 -25.62
N LEU A 236 9.12 -3.73 -25.74
CA LEU A 236 10.14 -3.15 -24.88
C LEU A 236 9.72 -3.17 -23.42
N SER A 237 8.47 -2.80 -23.14
CA SER A 237 7.99 -2.80 -21.76
C SER A 237 8.06 -4.20 -21.17
N ARG A 238 7.67 -5.22 -21.95
CA ARG A 238 7.71 -6.59 -21.46
C ARG A 238 9.14 -7.01 -21.14
N ILE A 239 10.11 -6.58 -21.94
CA ILE A 239 11.49 -6.99 -21.74
C ILE A 239 12.08 -6.31 -20.50
N LEU A 240 11.73 -5.05 -20.27
CA LEU A 240 12.26 -4.34 -19.11
C LEU A 240 11.78 -4.96 -17.80
N PHE A 241 10.49 -5.28 -17.71
CA PHE A 241 9.96 -5.86 -16.48
C PHE A 241 10.48 -7.28 -16.27
N GLU A 242 10.60 -8.06 -17.35
CA GLU A 242 11.15 -9.40 -17.22
C GLU A 242 12.61 -9.35 -16.76
N GLY A 243 13.38 -8.40 -17.27
CA GLY A 243 14.76 -8.27 -16.81
C GLY A 243 14.85 -7.86 -15.35
N PHE A 244 13.92 -7.03 -14.89
CA PHE A 244 13.88 -6.66 -13.48
C PHE A 244 13.59 -7.88 -12.61
N ILE A 245 12.61 -8.70 -13.00
CA ILE A 245 12.25 -9.88 -12.22
C ILE A 245 13.40 -10.90 -12.24
N THR A 246 14.02 -11.09 -13.41
CA THR A 246 15.18 -11.98 -13.50
C THR A 246 16.30 -11.53 -12.57
N ALA A 247 16.52 -10.21 -12.50
CA ALA A 247 17.51 -9.66 -11.58
C ALA A 247 17.17 -10.00 -10.14
N CYS A 248 15.89 -9.95 -9.79
CA CYS A 248 15.42 -10.23 -8.43
C CYS A 248 15.59 -11.71 -8.09
N GLN A 249 15.42 -12.58 -9.08
CA GLN A 249 15.63 -14.01 -8.85
C GLN A 249 17.09 -14.31 -8.59
N HIS A 250 18.00 -13.61 -9.29
CA HIS A 250 19.42 -13.74 -8.99
C HIS A 250 19.73 -13.28 -7.57
N HIS A 251 19.06 -12.21 -7.13
CA HIS A 251 19.24 -11.73 -5.76
C HIS A 251 18.72 -12.74 -4.74
N ILE A 252 17.68 -13.48 -5.08
CA ILE A 252 17.16 -14.51 -4.18
C ILE A 252 18.18 -15.64 -4.02
N ALA A 253 18.72 -16.12 -5.15
CA ALA A 253 19.75 -17.15 -5.08
C ALA A 253 20.99 -16.64 -4.35
N GLU A 254 21.27 -15.35 -4.45
CA GLU A 254 22.41 -14.77 -3.72
C GLU A 254 22.19 -14.87 -2.22
N LYS A 255 20.98 -14.55 -1.75
CA LYS A 255 20.72 -14.57 -0.32
C LYS A 255 20.68 -15.99 0.23
N GLN A 256 20.25 -16.95 -0.57
CA GLN A 256 20.20 -18.35 -0.13
C GLN A 256 21.57 -19.01 -0.11
N ARG A 257 22.56 -18.43 -0.81
CA ARG A 257 23.89 -19.02 -0.83
C ARG A 257 24.70 -18.66 0.40
N LEU A 258 24.38 -17.54 1.05
CA LEU A 258 25.10 -17.07 2.23
C LEU A 258 25.00 -18.04 3.39
N ASN B 7 10.50 2.87 20.19
CA ASN B 7 10.47 1.60 20.90
C ASN B 7 11.74 0.79 20.64
N ILE B 8 12.25 0.14 21.69
CA ILE B 8 13.34 -0.83 21.56
C ILE B 8 12.67 -2.17 21.31
N MET B 9 12.58 -2.56 20.04
CA MET B 9 11.59 -3.56 19.68
C MET B 9 11.85 -4.09 18.28
N ASN B 10 11.68 -5.39 18.11
CA ASN B 10 11.52 -5.97 16.79
C ASN B 10 10.06 -5.85 16.39
N ASN B 11 9.79 -5.20 15.27
CA ASN B 11 8.43 -4.80 14.91
C ASN B 11 7.78 -5.85 14.04
N PRO B 12 6.69 -6.47 14.49
CA PRO B 12 6.04 -7.51 13.69
C PRO B 12 5.53 -6.97 12.36
N VAL B 13 5.59 -7.81 11.33
CA VAL B 13 5.11 -7.44 10.00
C VAL B 13 3.59 -7.54 9.99
N ILE B 14 2.93 -6.43 9.69
CA ILE B 14 1.47 -6.36 9.67
C ILE B 14 1.02 -6.16 8.23
N GLY B 15 0.28 -7.12 7.70
CA GLY B 15 -0.30 -6.97 6.39
C GLY B 15 -1.60 -6.19 6.45
N VAL B 16 -1.70 -5.10 5.69
CA VAL B 16 -2.84 -4.20 5.73
C VAL B 16 -3.58 -4.28 4.40
N VAL B 17 -4.83 -4.72 4.46
CA VAL B 17 -5.64 -4.83 3.25
C VAL B 17 -6.01 -3.45 2.75
N MET B 18 -5.79 -3.21 1.45
CA MET B 18 -6.03 -1.92 0.85
C MET B 18 -7.45 -1.84 0.28
N CYS B 19 -7.83 -0.62 -0.12
CA CYS B 19 -9.10 -0.36 -0.77
C CYS B 19 -8.87 0.18 -2.17
N ARG B 20 -9.90 0.07 -3.02
CA ARG B 20 -9.81 0.51 -4.40
C ARG B 20 -10.47 1.88 -4.56
N ASN B 21 -9.81 2.75 -5.31
CA ASN B 21 -10.38 4.04 -5.70
C ASN B 21 -9.89 4.36 -7.11
N ARG B 22 -10.48 5.40 -7.70
CA ARG B 22 -10.11 5.86 -9.03
C ARG B 22 -9.80 7.35 -8.94
N LEU B 23 -8.52 7.69 -9.14
CA LEU B 23 -8.06 9.07 -9.03
C LEU B 23 -7.40 9.49 -10.34
N LYS B 24 -7.89 10.58 -10.92
CA LYS B 24 -7.29 11.19 -12.11
C LYS B 24 -7.24 10.19 -13.28
N GLY B 25 -8.26 9.35 -13.37
CA GLY B 25 -8.42 8.45 -14.49
C GLY B 25 -7.85 7.06 -14.33
N HIS B 26 -7.39 6.70 -13.12
CA HIS B 26 -6.65 5.46 -12.95
C HIS B 26 -7.14 4.71 -11.73
N ALA B 27 -7.39 3.42 -11.90
CA ALA B 27 -7.67 2.56 -10.75
C ALA B 27 -6.48 2.54 -9.81
N THR B 28 -6.75 2.74 -8.52
CA THR B 28 -5.69 2.93 -7.54
C THR B 28 -6.01 2.14 -6.28
N GLN B 29 -4.98 1.53 -5.71
CA GLN B 29 -5.08 0.89 -4.40
C GLN B 29 -4.68 1.90 -3.33
N THR B 30 -5.51 2.04 -2.31
CA THR B 30 -5.34 3.12 -1.33
C THR B 30 -5.33 2.56 0.09
N LEU B 31 -4.72 3.33 0.98
CA LEU B 31 -4.70 3.02 2.40
C LEU B 31 -4.57 4.33 3.17
N GLN B 32 -5.60 4.67 3.95
CA GLN B 32 -5.58 5.92 4.70
C GLN B 32 -4.45 5.91 5.73
N GLU B 33 -3.79 7.07 5.86
CA GLU B 33 -2.62 7.16 6.72
C GLU B 33 -2.96 6.95 8.19
N LYS B 34 -4.17 7.31 8.62
CA LYS B 34 -4.51 7.16 10.03
C LYS B 34 -4.54 5.70 10.46
N TYR B 35 -4.88 4.79 9.55
CA TYR B 35 -4.75 3.37 9.88
C TYR B 35 -3.29 2.98 10.03
N LEU B 36 -2.41 3.60 9.23
CA LEU B 36 -0.98 3.31 9.30
C LEU B 36 -0.36 3.89 10.56
N ASN B 37 -0.72 5.12 10.91
CA ASN B 37 -0.13 5.78 12.06
C ASN B 37 -0.40 5.01 13.34
N ALA B 38 -1.59 4.41 13.45
CA ALA B 38 -1.94 3.68 14.67
C ALA B 38 -1.09 2.42 14.83
N ILE B 39 -0.84 1.70 13.73
CA ILE B 39 0.01 0.52 13.79
C ILE B 39 1.44 0.91 14.16
N ILE B 40 1.94 1.98 13.54
CA ILE B 40 3.30 2.44 13.81
C ILE B 40 3.46 2.77 15.29
N HIS B 41 2.52 3.55 15.84
CA HIS B 41 2.62 3.97 17.24
C HIS B 41 2.60 2.78 18.19
N ALA B 42 1.94 1.69 17.81
CA ALA B 42 1.84 0.50 18.66
C ALA B 42 3.02 -0.45 18.48
N GLY B 43 3.91 -0.17 17.54
CA GLY B 43 5.11 -0.98 17.35
C GLY B 43 5.07 -1.95 16.19
N GLY B 44 4.15 -1.79 15.25
CA GLY B 44 4.07 -2.68 14.11
C GLY B 44 4.80 -2.15 12.89
N LEU B 45 5.12 -3.08 11.99
CA LEU B 45 5.72 -2.76 10.71
C LEU B 45 4.70 -3.03 9.63
N PRO B 46 3.97 -2.02 9.14
CA PRO B 46 2.89 -2.27 8.18
C PRO B 46 3.39 -2.36 6.75
N ILE B 47 2.79 -3.28 6.01
CA ILE B 47 2.95 -3.36 4.56
C ILE B 47 1.56 -3.48 3.95
N ALA B 48 1.28 -2.68 2.93
CA ALA B 48 -0.04 -2.63 2.32
C ALA B 48 -0.17 -3.72 1.26
N LEU B 49 -1.33 -4.38 1.26
CA LEU B 49 -1.55 -5.54 0.41
C LEU B 49 -2.54 -5.19 -0.71
N PRO B 50 -2.09 -5.15 -1.97
CA PRO B 50 -3.03 -4.91 -3.08
C PRO B 50 -3.96 -6.09 -3.30
N HIS B 51 -5.08 -5.80 -3.97
CA HIS B 51 -6.11 -6.79 -4.21
C HIS B 51 -5.63 -7.93 -5.11
N ALA B 52 -4.62 -7.69 -5.94
CA ALA B 52 -4.10 -8.76 -6.79
C ALA B 52 -3.49 -9.89 -5.98
N LEU B 53 -3.09 -9.64 -4.74
CA LEU B 53 -2.53 -10.67 -3.88
C LEU B 53 -3.57 -11.71 -3.45
N ALA B 54 -4.85 -11.48 -3.73
CA ALA B 54 -5.87 -12.48 -3.44
C ALA B 54 -5.68 -13.74 -4.26
N GLU B 55 -4.85 -13.68 -5.30
CA GLU B 55 -4.53 -14.87 -6.07
C GLU B 55 -3.93 -15.93 -5.15
N PRO B 56 -4.45 -17.16 -5.15
CA PRO B 56 -4.03 -18.15 -4.14
C PRO B 56 -2.54 -18.42 -4.11
N SER B 57 -1.88 -18.54 -5.27
CA SER B 57 -0.46 -18.86 -5.28
C SER B 57 0.38 -17.72 -4.69
N LEU B 58 -0.05 -16.47 -4.88
CA LEU B 58 0.66 -15.35 -4.29
C LEU B 58 0.37 -15.21 -2.80
N LEU B 59 -0.88 -15.45 -2.40
CA LEU B 59 -1.25 -15.33 -1.00
C LEU B 59 -0.52 -16.36 -0.14
N GLU B 60 -0.42 -17.60 -0.62
CA GLU B 60 0.27 -18.64 0.14
C GLU B 60 1.74 -18.32 0.35
N GLN B 61 2.37 -17.63 -0.61
CA GLN B 61 3.77 -17.27 -0.46
C GLN B 61 3.96 -16.13 0.54
N LEU B 62 2.95 -15.26 0.67
CA LEU B 62 3.09 -14.07 1.50
C LEU B 62 2.74 -14.33 2.97
N LEU B 63 1.77 -15.19 3.24
CA LEU B 63 1.31 -15.42 4.61
C LEU B 63 2.42 -15.77 5.59
N PRO B 64 3.39 -16.63 5.27
CA PRO B 64 4.47 -16.90 6.25
C PRO B 64 5.26 -15.67 6.66
N LYS B 65 5.24 -14.61 5.86
CA LYS B 65 5.98 -13.39 6.16
C LYS B 65 5.14 -12.36 6.91
N LEU B 66 3.87 -12.65 7.17
CA LEU B 66 2.99 -11.76 7.92
C LEU B 66 2.83 -12.26 9.34
N ASP B 67 3.06 -11.37 10.31
CA ASP B 67 2.83 -11.69 11.71
C ASP B 67 1.46 -11.24 12.19
N GLY B 68 0.72 -10.51 11.37
CA GLY B 68 -0.62 -10.07 11.74
C GLY B 68 -1.34 -9.53 10.52
N ILE B 69 -2.67 -9.57 10.59
CA ILE B 69 -3.53 -9.09 9.51
C ILE B 69 -4.33 -7.91 10.03
N TYR B 70 -4.39 -6.84 9.24
CA TYR B 70 -4.99 -5.57 9.64
C TYR B 70 -6.05 -5.21 8.60
N LEU B 71 -7.31 -5.18 9.05
CA LEU B 71 -8.43 -4.88 8.16
C LEU B 71 -8.97 -3.50 8.46
N PRO B 72 -8.58 -2.47 7.71
CA PRO B 72 -9.10 -1.11 7.98
C PRO B 72 -10.54 -0.97 7.58
N GLY B 73 -11.16 0.08 8.09
CA GLY B 73 -12.48 0.47 7.64
C GLY B 73 -12.43 1.13 6.28
N SER B 74 -13.61 1.39 5.74
CA SER B 74 -13.74 1.98 4.40
C SER B 74 -15.17 2.40 4.16
N PRO B 75 -15.42 3.40 3.32
CA PRO B 75 -16.82 3.74 2.96
C PRO B 75 -17.54 2.62 2.25
N SER B 76 -16.82 1.69 1.61
CA SER B 76 -17.47 0.64 0.86
C SER B 76 -18.13 -0.38 1.79
N ASN B 77 -19.16 -1.05 1.28
CA ASN B 77 -19.87 -2.10 1.98
C ASN B 77 -19.63 -3.43 1.29
N VAL B 78 -19.69 -4.51 2.08
CA VAL B 78 -19.52 -5.85 1.53
C VAL B 78 -20.67 -6.16 0.58
N GLN B 79 -20.36 -6.85 -0.52
CA GLN B 79 -21.39 -7.25 -1.46
C GLN B 79 -22.39 -8.16 -0.78
N PRO B 80 -23.69 -7.88 -0.87
CA PRO B 80 -24.68 -8.69 -0.12
C PRO B 80 -24.70 -10.16 -0.52
N HIS B 81 -24.26 -10.51 -1.73
CA HIS B 81 -24.27 -11.92 -2.12
C HIS B 81 -23.23 -12.75 -1.39
N LEU B 82 -22.27 -12.11 -0.72
CA LEU B 82 -21.27 -12.86 0.03
C LEU B 82 -21.84 -13.46 1.31
N TYR B 83 -22.98 -12.96 1.79
CA TYR B 83 -23.71 -13.58 2.89
C TYR B 83 -25.12 -14.01 2.46
N GLY B 84 -25.27 -14.37 1.18
CA GLY B 84 -26.47 -15.02 0.72
C GLY B 84 -27.66 -14.14 0.43
N GLU B 85 -27.46 -12.83 0.29
CA GLU B 85 -28.56 -11.92 0.00
C GLU B 85 -28.47 -11.43 -1.44
N ASN B 86 -29.60 -10.96 -1.95
CA ASN B 86 -29.71 -10.52 -3.33
C ASN B 86 -29.71 -8.99 -3.41
N GLY B 87 -29.38 -8.49 -4.60
CA GLY B 87 -29.28 -7.05 -4.81
C GLY B 87 -27.91 -6.51 -4.47
N ASP B 88 -27.76 -5.21 -4.70
CA ASP B 88 -26.51 -4.51 -4.44
C ASP B 88 -26.75 -3.37 -3.45
N GLU B 89 -25.65 -2.77 -3.01
CA GLU B 89 -25.65 -1.60 -2.16
C GLU B 89 -24.72 -0.57 -2.77
N PRO B 90 -24.93 0.71 -2.49
CA PRO B 90 -24.01 1.73 -3.00
C PRO B 90 -22.60 1.52 -2.48
N ASP B 91 -21.62 1.89 -3.30
CA ASP B 91 -20.21 1.83 -2.94
C ASP B 91 -19.76 0.41 -2.62
N ALA B 92 -19.50 -0.38 -3.65
CA ALA B 92 -18.97 -1.72 -3.50
C ALA B 92 -17.48 -1.73 -3.85
N ASP B 93 -16.77 -2.70 -3.28
CA ASP B 93 -15.36 -2.92 -3.57
C ASP B 93 -15.14 -4.42 -3.71
N PRO B 94 -15.53 -4.99 -4.85
CA PRO B 94 -15.42 -6.45 -5.00
C PRO B 94 -13.99 -6.96 -4.86
N GLY B 95 -13.00 -6.19 -5.27
CA GLY B 95 -11.61 -6.62 -5.12
C GLY B 95 -11.21 -6.77 -3.66
N ARG B 96 -11.58 -5.79 -2.83
CA ARG B 96 -11.28 -5.91 -1.41
C ARG B 96 -12.04 -7.07 -0.78
N ASP B 97 -13.30 -7.25 -1.17
CA ASP B 97 -14.07 -8.41 -0.72
C ASP B 97 -13.31 -9.70 -1.00
N LEU B 98 -12.79 -9.84 -2.22
CA LEU B 98 -12.06 -11.05 -2.59
C LEU B 98 -10.84 -11.25 -1.70
N LEU B 99 -10.03 -10.20 -1.53
CA LEU B 99 -8.83 -10.31 -0.71
C LEU B 99 -9.16 -10.51 0.76
N SER B 100 -10.16 -9.78 1.27
CA SER B 100 -10.51 -9.87 2.68
C SER B 100 -11.00 -11.27 3.04
N MET B 101 -11.92 -11.83 2.25
CA MET B 101 -12.42 -13.17 2.52
C MET B 101 -11.29 -14.19 2.48
N ALA B 102 -10.40 -14.08 1.50
CA ALA B 102 -9.34 -15.07 1.36
C ALA B 102 -8.34 -14.97 2.51
N ILE B 103 -7.94 -13.75 2.88
CA ILE B 103 -6.90 -13.61 3.89
C ILE B 103 -7.44 -13.86 5.30
N ILE B 104 -8.74 -13.64 5.52
CA ILE B 104 -9.31 -13.98 6.83
C ILE B 104 -9.32 -15.50 7.02
N ASN B 105 -9.88 -16.23 6.04
CA ASN B 105 -9.94 -17.68 6.14
C ASN B 105 -8.55 -18.29 6.30
N ALA B 106 -7.57 -17.75 5.58
CA ALA B 106 -6.21 -18.27 5.69
C ALA B 106 -5.61 -17.96 7.06
N ALA B 107 -5.81 -16.74 7.56
CA ALA B 107 -5.25 -16.37 8.85
C ALA B 107 -5.93 -17.11 10.00
N LEU B 108 -7.20 -17.50 9.83
CA LEU B 108 -7.88 -18.23 10.90
C LEU B 108 -7.37 -19.66 11.00
N GLU B 109 -7.00 -20.27 9.87
CA GLU B 109 -6.41 -21.59 9.92
C GLU B 109 -4.98 -21.56 10.41
N ARG B 110 -4.22 -20.53 10.03
CA ARG B 110 -2.83 -20.38 10.46
C ARG B 110 -2.70 -19.73 11.84
N ARG B 111 -3.83 -19.35 12.46
CA ARG B 111 -3.84 -18.71 13.78
C ARG B 111 -3.00 -17.43 13.78
N ILE B 112 -3.04 -16.71 12.66
CA ILE B 112 -2.39 -15.41 12.57
C ILE B 112 -3.30 -14.35 13.19
N PRO B 113 -2.78 -13.49 14.06
CA PRO B 113 -3.64 -12.47 14.69
C PRO B 113 -4.28 -11.55 13.67
N ILE B 114 -5.54 -11.19 13.92
CA ILE B 114 -6.30 -10.31 13.06
C ILE B 114 -6.88 -9.18 13.91
N PHE B 115 -6.78 -7.95 13.41
CA PHE B 115 -7.45 -6.80 14.01
C PHE B 115 -8.22 -6.09 12.90
N ALA B 116 -9.54 -6.02 13.06
CA ALA B 116 -10.44 -5.53 12.03
C ALA B 116 -11.21 -4.32 12.55
N ILE B 117 -11.38 -3.32 11.68
CA ILE B 117 -12.00 -2.05 12.04
C ILE B 117 -13.16 -1.77 11.09
N CYS B 118 -14.35 -1.52 11.66
CA CYS B 118 -15.54 -1.10 10.93
C CYS B 118 -15.89 -2.08 9.81
N ARG B 119 -15.51 -1.76 8.57
CA ARG B 119 -15.74 -2.70 7.48
C ARG B 119 -15.03 -4.03 7.73
N GLY B 120 -13.88 -3.98 8.41
CA GLY B 120 -13.20 -5.22 8.74
C GLY B 120 -14.01 -6.12 9.65
N LEU B 121 -14.66 -5.53 10.66
CA LEU B 121 -15.56 -6.32 11.51
C LEU B 121 -16.66 -6.96 10.68
N GLN B 122 -17.26 -6.18 9.77
CA GLN B 122 -18.29 -6.72 8.90
C GLN B 122 -17.71 -7.79 7.97
N GLU B 123 -16.45 -7.64 7.55
CA GLU B 123 -15.79 -8.69 6.80
C GLU B 123 -15.61 -9.94 7.65
N LEU B 124 -15.26 -9.76 8.93
CA LEU B 124 -15.11 -10.90 9.83
C LEU B 124 -16.42 -11.63 10.01
N VAL B 125 -17.51 -10.89 10.20
CA VAL B 125 -18.81 -11.50 10.42
C VAL B 125 -19.25 -12.29 9.19
N VAL B 126 -19.06 -11.72 8.00
CA VAL B 126 -19.49 -12.39 6.78
C VAL B 126 -18.58 -13.58 6.47
N ALA B 127 -17.28 -13.44 6.73
CA ALA B 127 -16.35 -14.51 6.38
C ALA B 127 -16.59 -15.78 7.18
N THR B 128 -17.11 -15.64 8.40
CA THR B 128 -17.32 -16.78 9.28
C THR B 128 -18.76 -17.28 9.25
N GLY B 129 -19.58 -16.81 8.32
CA GLY B 129 -20.91 -17.32 8.11
C GLY B 129 -22.04 -16.44 8.57
N GLY B 130 -21.77 -15.19 8.98
CA GLY B 130 -22.79 -14.29 9.46
C GLY B 130 -23.38 -13.45 8.34
N SER B 131 -24.18 -12.47 8.75
CA SER B 131 -24.86 -11.58 7.83
C SER B 131 -24.85 -10.16 8.41
N LEU B 132 -25.28 -9.20 7.59
CA LEU B 132 -25.22 -7.80 7.94
C LEU B 132 -26.59 -7.14 7.76
N HIS B 133 -26.84 -6.12 8.57
CA HIS B 133 -27.91 -5.16 8.30
C HIS B 133 -27.45 -4.22 7.20
N ARG B 134 -28.19 -4.16 6.10
CA ARG B 134 -27.77 -3.29 5.00
C ARG B 134 -28.16 -1.84 5.21
N LYS B 135 -29.17 -1.57 6.04
CA LYS B 135 -29.63 -0.21 6.34
C LYS B 135 -30.01 -0.15 7.81
N LEU B 136 -29.05 0.22 8.66
CA LEU B 136 -29.34 0.38 10.09
C LEU B 136 -30.39 1.45 10.31
N CYS B 137 -30.42 2.49 9.46
CA CYS B 137 -31.39 3.56 9.63
C CYS B 137 -32.83 3.10 9.40
N GLU B 138 -33.04 1.94 8.79
CA GLU B 138 -34.37 1.41 8.56
C GLU B 138 -34.87 0.51 9.70
N GLN B 139 -34.04 0.29 10.72
CA GLN B 139 -34.47 -0.45 11.89
C GLN B 139 -34.85 0.54 12.98
N PRO B 140 -36.13 0.65 13.35
CA PRO B 140 -36.52 1.72 14.30
C PRO B 140 -35.95 1.55 15.69
N GLU B 141 -35.51 0.36 16.07
CA GLU B 141 -35.06 0.07 17.42
C GLU B 141 -33.62 0.49 17.69
N LEU B 142 -32.92 1.04 16.69
CA LEU B 142 -31.49 1.28 16.78
C LEU B 142 -31.18 2.77 16.84
N LEU B 143 -30.00 3.08 17.38
CA LEU B 143 -29.49 4.43 17.37
C LEU B 143 -29.02 4.82 15.97
N GLU B 144 -28.71 6.10 15.80
CA GLU B 144 -28.11 6.58 14.55
C GLU B 144 -26.61 6.31 14.62
N HIS B 145 -26.17 5.29 13.90
CA HIS B 145 -24.77 4.89 13.93
C HIS B 145 -23.93 5.58 12.86
N ARG B 146 -24.55 6.29 11.93
CA ARG B 146 -23.80 6.99 10.89
C ARG B 146 -23.30 8.34 11.39
N GLU B 147 -22.21 8.80 10.79
CA GLU B 147 -21.72 10.14 11.03
C GLU B 147 -22.49 11.14 10.17
N ASP B 148 -22.37 12.42 10.52
CA ASP B 148 -22.95 13.49 9.72
C ASP B 148 -21.93 13.90 8.67
N PRO B 149 -22.14 13.59 7.39
CA PRO B 149 -21.11 13.83 6.37
C PRO B 149 -20.87 15.30 6.05
N GLU B 150 -21.78 16.21 6.43
CA GLU B 150 -21.58 17.64 6.18
C GLU B 150 -20.86 18.34 7.31
N LEU B 151 -20.70 17.70 8.47
CA LEU B 151 -19.85 18.21 9.52
C LEU B 151 -18.38 18.01 9.15
N PRO B 152 -17.48 18.82 9.70
CA PRO B 152 -16.05 18.61 9.45
C PRO B 152 -15.58 17.25 9.96
N VAL B 153 -14.42 16.84 9.48
CA VAL B 153 -13.94 15.48 9.71
C VAL B 153 -13.79 15.20 11.20
N GLU B 154 -13.31 16.18 11.97
CA GLU B 154 -13.09 15.97 13.40
C GLU B 154 -14.39 15.67 14.13
N GLN B 155 -15.48 16.32 13.74
CA GLN B 155 -16.77 16.03 14.37
C GLN B 155 -17.30 14.66 13.98
N GLN B 156 -16.99 14.21 12.75
CA GLN B 156 -17.48 12.92 12.30
C GLN B 156 -16.88 11.78 13.12
N TYR B 157 -15.65 11.95 13.59
CA TYR B 157 -14.96 10.93 14.38
C TYR B 157 -15.05 11.17 15.87
N ALA B 158 -15.86 12.15 16.30
CA ALA B 158 -16.04 12.42 17.71
C ALA B 158 -16.81 11.27 18.37
N PRO B 159 -16.77 11.18 19.70
CA PRO B 159 -17.58 10.16 20.40
C PRO B 159 -19.04 10.24 19.98
N SER B 160 -19.64 9.08 19.75
CA SER B 160 -20.99 8.99 19.23
C SER B 160 -21.94 8.28 20.17
N HIS B 161 -21.56 7.11 20.66
CA HIS B 161 -22.40 6.34 21.58
C HIS B 161 -21.51 5.46 22.43
N GLU B 162 -22.09 4.89 23.48
CA GLU B 162 -21.35 3.99 24.35
C GLU B 162 -21.44 2.56 23.85
N VAL B 163 -20.57 1.71 24.38
CA VAL B 163 -20.63 0.27 24.17
C VAL B 163 -20.36 -0.40 25.51
N GLN B 164 -20.98 -1.55 25.72
CA GLN B 164 -20.82 -2.33 26.94
C GLN B 164 -20.11 -3.64 26.62
N VAL B 165 -19.00 -3.90 27.31
CA VAL B 165 -18.20 -5.08 27.04
C VAL B 165 -18.91 -6.32 27.56
N GLU B 166 -18.97 -7.36 26.73
CA GLU B 166 -19.45 -8.66 27.17
C GLU B 166 -18.31 -9.41 27.83
N GLU B 167 -18.50 -9.81 29.08
CA GLU B 167 -17.43 -10.41 29.86
C GLU B 167 -17.04 -11.78 29.30
N GLY B 168 -15.80 -12.17 29.54
CA GLY B 168 -15.30 -13.48 29.16
C GLY B 168 -14.56 -13.54 27.84
N GLY B 169 -14.31 -12.40 27.19
CA GLY B 169 -13.63 -12.41 25.91
C GLY B 169 -12.35 -11.62 25.88
N LEU B 170 -11.92 -11.23 24.67
CA LEU B 170 -10.66 -10.50 24.52
C LEU B 170 -10.72 -9.13 25.17
N LEU B 171 -11.84 -8.41 24.97
CA LEU B 171 -11.94 -7.05 25.50
C LEU B 171 -11.87 -7.04 27.02
N SER B 172 -12.45 -8.05 27.67
CA SER B 172 -12.39 -8.13 29.12
C SER B 172 -10.96 -8.34 29.60
N ALA B 173 -10.18 -9.15 28.89
CA ALA B 173 -8.79 -9.36 29.27
C ALA B 173 -7.95 -8.10 29.00
N LEU B 174 -8.26 -7.38 27.92
CA LEU B 174 -7.49 -6.19 27.59
C LEU B 174 -7.90 -4.98 28.43
N LEU B 175 -9.15 -4.95 28.89
CA LEU B 175 -9.69 -3.81 29.63
C LEU B 175 -10.32 -4.32 30.92
N PRO B 176 -9.52 -4.63 31.94
CA PRO B 176 -10.09 -5.17 33.18
C PRO B 176 -10.99 -4.19 33.91
N GLU B 177 -10.71 -2.89 33.86
CA GLU B 177 -11.51 -1.91 34.58
C GLU B 177 -12.74 -1.50 33.78
N CYS B 178 -12.54 -1.17 32.51
CA CYS B 178 -13.59 -0.59 31.66
C CYS B 178 -14.50 -1.70 31.13
N SER B 179 -15.74 -1.71 31.60
CA SER B 179 -16.81 -2.49 30.99
C SER B 179 -17.72 -1.65 30.12
N ASN B 180 -17.54 -0.35 30.17
CA ASN B 180 -18.35 0.56 29.43
C ASN B 180 -17.54 1.76 29.03
N PHE B 181 -17.67 2.25 27.79
CA PHE B 181 -16.88 3.40 27.36
C PHE B 181 -17.50 3.96 26.08
N TRP B 182 -17.03 5.16 25.71
CA TRP B 182 -17.52 5.87 24.54
C TRP B 182 -16.71 5.48 23.30
N VAL B 183 -17.40 5.38 22.17
CA VAL B 183 -16.77 5.11 20.89
C VAL B 183 -17.39 6.02 19.84
N ASN B 184 -16.63 6.31 18.78
CA ASN B 184 -17.22 6.98 17.64
C ASN B 184 -18.05 5.98 16.82
N SER B 185 -18.76 6.49 15.82
CA SER B 185 -19.62 5.64 15.01
C SER B 185 -19.76 6.25 13.63
N LEU B 186 -19.33 5.51 12.61
CA LEU B 186 -19.40 5.96 11.22
C LEU B 186 -19.77 4.78 10.31
N HIS B 187 -20.94 4.20 10.54
CA HIS B 187 -21.35 3.03 9.78
C HIS B 187 -22.86 3.01 9.59
N GLY B 188 -23.29 2.72 8.36
CA GLY B 188 -24.70 2.58 8.05
C GLY B 188 -25.11 1.13 7.97
N GLN B 189 -24.13 0.24 8.03
CA GLN B 189 -24.36 -1.20 8.09
C GLN B 189 -23.82 -1.74 9.41
N GLY B 190 -24.29 -2.93 9.78
CA GLY B 190 -23.86 -3.53 11.02
C GLY B 190 -24.15 -5.01 11.04
N ALA B 191 -23.66 -5.67 12.08
CA ALA B 191 -23.85 -7.11 12.22
C ALA B 191 -25.32 -7.42 12.45
N LYS B 192 -25.84 -8.39 11.69
CA LYS B 192 -27.20 -8.87 11.88
C LYS B 192 -27.18 -10.21 12.59
N VAL B 193 -26.76 -11.25 11.89
CA VAL B 193 -26.55 -12.58 12.46
C VAL B 193 -25.05 -12.78 12.65
N VAL B 194 -24.65 -13.20 13.84
CA VAL B 194 -23.27 -13.52 14.15
C VAL B 194 -23.14 -15.02 14.29
N SER B 195 -22.18 -15.60 13.57
CA SER B 195 -22.00 -17.05 13.57
C SER B 195 -21.63 -17.55 14.96
N PRO B 196 -21.95 -18.81 15.27
CA PRO B 196 -21.45 -19.41 16.52
C PRO B 196 -19.95 -19.54 16.57
N ARG B 197 -19.25 -19.41 15.42
CA ARG B 197 -17.80 -19.36 15.44
C ARG B 197 -17.27 -18.11 16.12
N LEU B 198 -18.08 -17.06 16.19
CA LEU B 198 -17.69 -15.78 16.77
C LEU B 198 -18.33 -15.60 18.14
N ARG B 199 -17.63 -14.87 19.01
CA ARG B 199 -18.14 -14.50 20.32
CA ARG B 199 -18.16 -14.49 20.31
C ARG B 199 -18.37 -12.99 20.35
N VAL B 200 -19.50 -12.58 20.92
CA VAL B 200 -19.82 -11.16 21.00
C VAL B 200 -18.96 -10.50 22.06
N GLU B 201 -18.30 -9.41 21.70
CA GLU B 201 -17.39 -8.71 22.60
C GLU B 201 -18.00 -7.46 23.22
N ALA B 202 -18.83 -6.74 22.48
CA ALA B 202 -19.44 -5.51 23.00
C ALA B 202 -20.69 -5.19 22.21
N ARG B 203 -21.59 -4.43 22.85
CA ARG B 203 -22.84 -4.00 22.22
C ARG B 203 -23.11 -2.54 22.56
N SER B 204 -23.69 -1.83 21.59
CA SER B 204 -24.24 -0.51 21.86
C SER B 204 -25.51 -0.64 22.69
N PRO B 205 -25.98 0.44 23.32
CA PRO B 205 -27.17 0.33 24.17
C PRO B 205 -28.43 -0.12 23.44
N ASP B 206 -28.43 -0.14 22.12
CA ASP B 206 -29.57 -0.63 21.35
C ASP B 206 -29.47 -2.11 21.00
N GLY B 207 -28.46 -2.81 21.53
CA GLY B 207 -28.29 -4.22 21.27
C GLY B 207 -27.44 -4.56 20.07
N LEU B 208 -27.08 -3.57 19.25
CA LEU B 208 -26.28 -3.85 18.06
C LEU B 208 -24.88 -4.32 18.45
N VAL B 209 -24.43 -5.39 17.82
CA VAL B 209 -23.09 -5.90 18.08
C VAL B 209 -22.07 -4.93 17.51
N GLU B 210 -21.18 -4.44 18.38
CA GLU B 210 -20.15 -3.48 17.98
C GLU B 210 -18.75 -4.05 18.03
N ALA B 211 -18.58 -5.29 18.50
CA ALA B 211 -17.27 -5.92 18.56
C ALA B 211 -17.46 -7.43 18.66
N VAL B 212 -16.60 -8.17 17.95
CA VAL B 212 -16.64 -9.63 17.92
C VAL B 212 -15.22 -10.16 18.02
N SER B 213 -15.11 -11.46 18.31
CA SER B 213 -13.83 -12.14 18.28
C SER B 213 -14.06 -13.61 17.94
N VAL B 214 -13.07 -14.20 17.28
CA VAL B 214 -13.18 -15.59 16.85
C VAL B 214 -12.84 -16.51 18.02
N ILE B 215 -13.75 -17.41 18.36
CA ILE B 215 -13.50 -18.39 19.39
C ILE B 215 -12.44 -19.37 18.92
N ASN B 216 -11.60 -19.82 19.85
CA ASN B 216 -10.53 -20.78 19.59
C ASN B 216 -9.44 -20.23 18.67
N HIS B 217 -9.38 -18.92 18.52
CA HIS B 217 -8.28 -18.24 17.85
C HIS B 217 -7.56 -17.34 18.86
N PRO B 218 -6.22 -17.31 18.84
CA PRO B 218 -5.50 -16.51 19.84
C PRO B 218 -5.91 -15.04 19.87
N PHE B 219 -6.11 -14.42 18.72
CA PHE B 219 -6.46 -13.00 18.68
C PHE B 219 -6.99 -12.68 17.28
N ALA B 220 -8.31 -12.77 17.12
CA ALA B 220 -9.00 -12.38 15.89
C ALA B 220 -10.13 -11.46 16.31
N LEU B 221 -9.83 -10.17 16.45
CA LEU B 221 -10.74 -9.20 17.04
C LEU B 221 -11.22 -8.21 15.98
N GLY B 222 -12.52 -7.90 16.03
CA GLY B 222 -13.07 -6.85 15.19
C GLY B 222 -13.86 -5.87 16.03
N VAL B 223 -13.77 -4.59 15.67
CA VAL B 223 -14.54 -3.54 16.31
C VAL B 223 -15.25 -2.74 15.24
N GLN B 224 -16.46 -2.27 15.57
CA GLN B 224 -17.27 -1.52 14.62
C GLN B 224 -16.91 -0.04 14.57
N TRP B 225 -16.33 0.50 15.63
CA TRP B 225 -15.95 1.90 15.66
C TRP B 225 -14.57 2.06 15.03
N HIS B 226 -13.99 3.26 15.17
CA HIS B 226 -12.73 3.63 14.51
C HIS B 226 -11.70 3.98 15.58
N PRO B 227 -11.00 2.98 16.13
CA PRO B 227 -9.94 3.28 17.10
C PRO B 227 -8.67 3.85 16.49
N GLU B 228 -8.54 3.82 15.16
CA GLU B 228 -7.36 4.38 14.52
C GLU B 228 -7.33 5.90 14.59
N TRP B 229 -8.47 6.53 14.87
CA TRP B 229 -8.57 7.99 14.87
C TRP B 229 -7.77 8.55 16.04
N ASN B 230 -6.65 9.21 15.74
CA ASN B 230 -5.76 9.80 16.74
C ASN B 230 -5.49 8.80 17.88
N SER B 231 -5.12 7.58 17.49
CA SER B 231 -5.06 6.48 18.44
C SER B 231 -4.15 6.77 19.63
N SER B 232 -3.07 7.54 19.41
CA SER B 232 -2.15 7.85 20.49
C SER B 232 -2.79 8.71 21.57
N GLU B 233 -3.85 9.44 21.24
CA GLU B 233 -4.50 10.35 22.17
C GLU B 233 -5.62 9.69 22.96
N TYR B 234 -6.12 8.53 22.53
CA TYR B 234 -7.20 7.83 23.21
C TYR B 234 -6.64 6.62 23.94
N ALA B 235 -6.83 6.58 25.26
CA ALA B 235 -6.27 5.51 26.07
C ALA B 235 -6.83 4.16 25.67
N LEU B 236 -8.10 4.11 25.27
CA LEU B 236 -8.70 2.83 24.91
C LEU B 236 -8.24 2.35 23.54
N SER B 237 -8.15 3.27 22.57
CA SER B 237 -7.62 2.91 21.26
C SER B 237 -6.18 2.42 21.38
N ARG B 238 -5.41 3.03 22.28
CA ARG B 238 -4.01 2.63 22.47
C ARG B 238 -3.91 1.20 22.98
N ILE B 239 -4.81 0.81 23.90
CA ILE B 239 -4.75 -0.53 24.46
C ILE B 239 -5.12 -1.58 23.41
N LEU B 240 -6.08 -1.26 22.54
CA LEU B 240 -6.50 -2.21 21.51
C LEU B 240 -5.36 -2.50 20.54
N PHE B 241 -4.71 -1.45 20.05
CA PHE B 241 -3.58 -1.66 19.14
C PHE B 241 -2.40 -2.27 19.88
N GLU B 242 -2.20 -1.91 21.15
CA GLU B 242 -1.13 -2.54 21.91
C GLU B 242 -1.39 -4.04 22.07
N GLY B 243 -2.64 -4.42 22.31
CA GLY B 243 -2.96 -5.83 22.45
C GLY B 243 -2.80 -6.60 21.16
N PHE B 244 -3.13 -5.97 20.03
CA PHE B 244 -2.93 -6.60 18.73
C PHE B 244 -1.45 -6.89 18.48
N ILE B 245 -0.60 -5.89 18.68
CA ILE B 245 0.83 -6.07 18.43
C ILE B 245 1.42 -7.09 19.40
N THR B 246 0.98 -7.08 20.66
CA THR B 246 1.42 -8.08 21.61
C THR B 246 1.04 -9.49 21.16
N ALA B 247 -0.14 -9.62 20.55
CA ALA B 247 -0.56 -10.93 20.02
C ALA B 247 0.33 -11.36 18.87
N CYS B 248 0.70 -10.41 18.00
CA CYS B 248 1.61 -10.74 16.90
C CYS B 248 2.98 -11.14 17.43
N GLN B 249 3.46 -10.46 18.47
CA GLN B 249 4.69 -10.88 19.13
C GLN B 249 4.55 -12.29 19.67
N HIS B 250 3.42 -12.59 20.31
CA HIS B 250 3.17 -13.95 20.79
C HIS B 250 3.09 -14.93 19.64
N HIS B 251 2.49 -14.52 18.52
CA HIS B 251 2.44 -15.37 17.34
C HIS B 251 3.83 -15.68 16.81
N ILE B 252 4.73 -14.68 16.85
CA ILE B 252 6.11 -14.92 16.46
C ILE B 252 6.78 -15.91 17.40
N ALA B 253 6.57 -15.71 18.71
CA ALA B 253 7.13 -16.64 19.70
C ALA B 253 6.49 -18.01 19.57
N GLU B 254 5.17 -18.07 19.30
CA GLU B 254 4.50 -19.35 19.13
C GLU B 254 4.95 -20.05 17.85
N LYS B 255 5.41 -19.29 16.86
CA LYS B 255 5.88 -19.86 15.60
C LYS B 255 7.17 -20.66 15.76
N GLN B 256 7.68 -20.80 16.97
CA GLN B 256 8.82 -21.64 17.25
C GLN B 256 8.51 -22.68 18.31
N ARG B 257 7.23 -22.89 18.60
CA ARG B 257 6.79 -24.02 19.40
C ARG B 257 5.99 -25.03 18.60
N LEU B 258 5.79 -24.79 17.30
CA LEU B 258 5.00 -25.66 16.43
C LEU B 258 5.49 -27.11 16.47
MN MN C . 10.34 12.22 -22.47
MN MN D . -21.88 2.41 16.10
#